data_1HQJ
#
_entry.id   1HQJ
#
_cell.length_a   44.334
_cell.length_b   44.874
_cell.length_c   81.043
_cell.angle_alpha   90.00
_cell.angle_beta   90.00
_cell.angle_gamma   90.00
#
_symmetry.space_group_name_H-M   'P 21 21 21'
#
loop_
_entity.id
_entity.type
_entity.pdbx_description
1 polymer ZJU-GLU-LEU-GLU-ALA-ARG-ILE-ARG-GLU-LEU-GLU-ALA-ARG-ILE-LYS-NH2
2 non-polymer 'LEAD (II) ION'
3 non-polymer 'SULFATE ION'
4 water water
#
_entity_poly.entity_id   1
_entity_poly.type   'polypeptide(L)'
_entity_poly.pdbx_seq_one_letter_code
;(ZJU)ELERRIRELEARIK
;
_entity_poly.pdbx_strand_id   A,B,C,D,E,F,G,H,I,J,K,L
#
loop_
_chem_comp.id
_chem_comp.type
_chem_comp.name
_chem_comp.formula
PB non-polymer 'LEAD (II) ION' 'Pb 2'
SO4 non-polymer 'SULFATE ION' 'O4 S -2'
#
# COMPACT_ATOMS: atom_id res chain seq x y z
O1 ZJU A 1 8.83 2.64 -2.19
C1 ZJU A 1 9.42 3.71 -2.44
O2 ZJU A 1 8.83 4.78 -2.71
C2 ZJU A 1 10.94 3.73 -2.42
C3 ZJU A 1 11.53 4.87 -3.26
C4 ZJU A 1 11.24 6.20 -2.58
O3 ZJU A 1 11.09 6.27 -1.36
N ZJU A 1 11.18 7.26 -3.38
CA ZJU A 1 11.11 8.62 -2.83
CB ZJU A 1 11.21 9.65 -3.96
CG ZJU A 1 12.59 9.69 -4.59
OD2 ZJU A 1 12.75 10.38 -5.62
OD1 ZJU A 1 13.51 9.03 -4.06
C ZJU A 1 9.83 8.82 -2.04
O ZJU A 1 9.82 9.60 -1.08
N GLU A 2 8.77 8.13 -2.43
CA GLU A 2 7.49 8.24 -1.73
C GLU A 2 7.64 7.74 -0.29
N LEU A 3 8.23 6.56 -0.11
CA LEU A 3 8.41 6.04 1.24
C LEU A 3 9.41 6.88 2.01
N GLU A 4 10.47 7.36 1.36
CA GLU A 4 11.44 8.21 2.05
C GLU A 4 10.79 9.53 2.50
N ARG A 5 9.93 10.11 1.67
CA ARG A 5 9.25 11.34 2.05
C ARG A 5 8.34 11.10 3.25
N ARG A 6 7.68 9.95 3.27
CA ARG A 6 6.79 9.65 4.40
C ARG A 6 7.59 9.43 5.67
N ILE A 7 8.76 8.81 5.55
CA ILE A 7 9.65 8.72 6.72
C ILE A 7 10.10 10.09 7.19
N ARG A 8 10.47 10.97 6.26
CA ARG A 8 10.89 12.33 6.60
C ARG A 8 9.78 13.10 7.32
N GLU A 9 8.54 12.91 6.91
CA GLU A 9 7.42 13.59 7.58
C GLU A 9 7.26 13.08 9.01
N LEU A 10 7.44 11.78 9.22
CA LEU A 10 7.36 11.23 10.57
C LEU A 10 8.50 11.71 11.44
N GLU A 11 9.71 11.74 10.89
CA GLU A 11 10.87 12.25 11.60
C GLU A 11 10.66 13.71 12.03
N ALA A 12 10.10 14.52 11.14
CA ALA A 12 9.82 15.92 11.45
C ALA A 12 8.75 16.06 12.52
N ARG A 13 7.72 15.22 12.44
CA ARG A 13 6.58 15.33 13.33
C ARG A 13 6.94 15.08 14.78
N ILE A 14 7.83 14.11 15.05
CA ILE A 14 8.07 13.73 16.44
C ILE A 14 9.24 14.49 17.05
N LYS A 15 9.90 15.31 16.23
CA LYS A 15 11.00 16.14 16.68
C LYS A 15 10.50 17.34 17.49
O1 ZJU B 1 15.56 2.33 0.64
C1 ZJU B 1 16.18 1.51 1.33
O2 ZJU B 1 17.06 1.85 2.15
C2 ZJU B 1 15.86 0.04 1.17
C3 ZJU B 1 17.00 -0.87 1.63
C4 ZJU B 1 17.18 -0.77 3.14
O3 ZJU B 1 16.28 -0.35 3.85
N ZJU B 1 18.36 -1.15 3.62
CA ZJU B 1 18.62 -1.20 5.05
CB ZJU B 1 19.93 -1.95 5.32
CG ZJU B 1 19.73 -3.46 5.40
OD2 ZJU B 1 18.83 -3.98 4.70
OD1 ZJU B 1 20.47 -4.12 6.15
C ZJU B 1 18.68 0.21 5.64
O ZJU B 1 18.39 0.39 6.83
N GLU B 2 19.05 1.20 4.85
CA GLU B 2 19.03 2.58 5.33
C GLU B 2 17.62 3.03 5.70
N LEU B 3 16.67 2.85 4.79
CA LEU B 3 15.29 3.23 5.07
C LEU B 3 14.75 2.40 6.23
N GLU B 4 15.07 1.09 6.22
CA GLU B 4 14.59 0.26 7.31
C GLU B 4 15.20 0.69 8.64
N ARG B 5 16.47 1.11 8.64
CA ARG B 5 17.09 1.59 9.87
C ARG B 5 16.38 2.82 10.42
N ARG B 6 15.95 3.72 9.52
CA ARG B 6 15.23 4.91 9.96
C ARG B 6 13.84 4.56 10.47
N ILE B 7 13.19 3.59 9.83
CA ILE B 7 11.92 3.10 10.34
C ILE B 7 12.07 2.46 11.72
N ARG B 8 13.11 1.67 11.92
CA ARG B 8 13.41 1.08 13.22
C ARG B 8 13.52 2.13 14.32
N GLU B 9 14.22 3.23 14.02
CA GLU B 9 14.39 4.30 15.01
C GLU B 9 13.06 4.96 15.33
N LEU B 10 12.24 5.21 14.31
CA LEU B 10 10.90 5.74 14.55
C LEU B 10 10.07 4.78 15.38
N GLU B 11 10.17 3.49 15.09
CA GLU B 11 9.42 2.50 15.85
C GLU B 11 9.87 2.44 17.30
N ALA B 12 11.18 2.56 17.51
CA ALA B 12 11.72 2.57 18.87
C ALA B 12 11.09 3.68 19.69
N ARG B 13 10.85 4.83 19.07
CA ARG B 13 10.31 5.99 19.76
C ARG B 13 8.80 5.90 19.93
N ILE B 14 8.11 5.58 18.84
CA ILE B 14 6.65 5.66 18.81
C ILE B 14 6.00 4.43 19.41
N LYS B 15 6.53 3.25 19.09
CA LYS B 15 5.94 1.98 19.52
C LYS B 15 6.53 1.49 20.84
O1 ZJU C 1 11.91 -2.36 1.43
C1 ZJU C 1 10.72 -2.51 1.08
O2 ZJU C 1 10.03 -3.50 1.38
C2 ZJU C 1 10.09 -1.41 0.24
C3 ZJU C 1 8.84 -1.90 -0.52
C4 ZJU C 1 7.74 -2.28 0.47
O3 ZJU C 1 7.59 -1.65 1.51
N ZJU C 1 6.99 -3.32 0.12
CA ZJU C 1 5.73 -3.64 0.75
CB ZJU C 1 5.18 -4.96 0.21
CG ZJU C 1 3.93 -5.43 0.92
OD2 ZJU C 1 3.04 -4.60 1.19
OD1 ZJU C 1 3.83 -6.64 1.21
C ZJU C 1 5.84 -3.73 2.28
O ZJU C 1 5.02 -3.12 2.98
N GLU C 2 6.82 -4.47 2.79
CA GLU C 2 6.96 -4.65 4.22
C GLU C 2 7.25 -3.32 4.92
N LEU C 3 8.00 -2.46 4.24
CA LEU C 3 8.40 -1.19 4.85
C LEU C 3 7.23 -0.20 4.81
N GLU C 4 6.52 -0.20 3.69
CA GLU C 4 5.28 0.57 3.61
C GLU C 4 4.31 0.20 4.71
N ARG C 5 4.15 -1.10 4.98
CA ARG C 5 3.24 -1.53 6.03
C ARG C 5 3.63 -0.94 7.37
N ARG C 6 4.93 -0.96 7.67
CA ARG C 6 5.40 -0.45 8.96
C ARG C 6 5.27 1.07 9.03
N ILE C 7 5.50 1.76 7.92
CA ILE C 7 5.26 3.21 7.87
C ILE C 7 3.80 3.53 8.12
N ARG C 8 2.88 2.77 7.53
CA ARG C 8 1.45 2.97 7.74
C ARG C 8 1.07 2.86 9.21
N GLU C 9 1.66 1.90 9.93
CA GLU C 9 1.37 1.74 11.35
C GLU C 9 1.82 2.97 12.13
N LEU C 10 2.99 3.48 11.80
CA LEU C 10 3.53 4.67 12.47
C LEU C 10 2.65 5.89 12.20
N GLU C 11 2.23 6.06 10.96
CA GLU C 11 1.37 7.18 10.58
C GLU C 11 0.05 7.14 11.34
N ALA C 12 -0.53 5.95 11.43
CA ALA C 12 -1.82 5.76 12.10
C ALA C 12 -1.73 6.15 13.56
N ARG C 13 -0.59 5.86 14.19
CA ARG C 13 -0.43 6.12 15.62
C ARG C 13 -0.19 7.60 15.91
N ILE C 14 0.30 8.34 14.94
CA ILE C 14 0.38 9.79 15.02
C ILE C 14 -0.97 10.44 14.77
N LYS C 15 -1.73 9.92 13.81
CA LYS C 15 -2.99 10.49 13.38
C LYS C 15 -4.10 10.25 14.40
O1 ZJU D 1 -25.46 -0.56 12.50
C1 ZJU D 1 -25.50 -0.01 11.39
O2 ZJU D 1 -25.53 1.24 11.25
C2 ZJU D 1 -25.50 -0.86 10.15
C3 ZJU D 1 -26.21 -0.21 8.96
C4 ZJU D 1 -25.41 0.99 8.46
O3 ZJU D 1 -24.18 1.00 8.51
N ZJU D 1 -26.12 2.01 7.99
CA ZJU D 1 -25.50 3.15 7.34
CB ZJU D 1 -26.58 4.13 6.87
CG ZJU D 1 -26.22 5.58 7.05
OD2 ZJU D 1 -26.81 6.24 7.95
OD1 ZJU D 1 -25.33 6.07 6.33
C ZJU D 1 -24.52 3.86 8.27
O ZJU D 1 -23.44 4.28 7.85
N GLU D 2 -24.89 3.99 9.54
CA GLU D 2 -24.05 4.69 10.50
C GLU D 2 -22.72 3.97 10.70
N LEU D 3 -22.76 2.65 10.85
CA LEU D 3 -21.50 1.92 11.01
C LEU D 3 -20.64 2.09 9.77
N GLU D 4 -21.27 2.04 8.60
CA GLU D 4 -20.53 2.18 7.35
C GLU D 4 -19.84 3.54 7.26
N ARG D 5 -20.58 4.59 7.59
CA ARG D 5 -20.07 5.96 7.56
C ARG D 5 -18.91 6.11 8.54
N ARG D 6 -19.02 5.46 9.69
CA ARG D 6 -17.97 5.59 10.70
C ARG D 6 -16.71 4.85 10.28
N ILE D 7 -16.86 3.70 9.63
CA ILE D 7 -15.70 3.05 9.00
C ILE D 7 -15.10 3.95 7.93
N ARG D 8 -15.94 4.54 7.08
CA ARG D 8 -15.48 5.45 6.04
C ARG D 8 -14.73 6.66 6.61
N GLU D 9 -15.23 7.18 7.73
CA GLU D 9 -14.59 8.31 8.40
C GLU D 9 -13.20 7.94 8.91
N LEU D 10 -13.09 6.76 9.51
CA LEU D 10 -11.81 6.24 9.97
C LEU D 10 -10.85 6.04 8.80
N GLU D 11 -11.36 5.49 7.71
CA GLU D 11 -10.55 5.26 6.51
C GLU D 11 -10.04 6.58 5.93
N ALA D 12 -10.89 7.60 5.94
CA ALA D 12 -10.47 8.93 5.51
C ALA D 12 -9.33 9.46 6.37
N ARG D 13 -9.38 9.19 7.67
CA ARG D 13 -8.45 9.81 8.62
C ARG D 13 -7.06 9.20 8.52
N ILE D 14 -6.95 7.89 8.31
CA ILE D 14 -5.61 7.31 8.37
C ILE D 14 -5.11 6.88 6.99
N LYS D 15 -5.89 7.17 5.97
CA LYS D 15 -5.35 7.19 4.61
C LYS D 15 -4.75 8.55 4.27
O1 ZJU E 1 -21.61 -5.68 6.78
C1 ZJU E 1 -20.82 -6.65 6.70
O2 ZJU E 1 -20.07 -6.82 5.72
C2 ZJU E 1 -20.76 -7.63 7.84
C3 ZJU E 1 -20.39 -9.04 7.41
C4 ZJU E 1 -18.94 -9.08 6.92
O3 ZJU E 1 -18.09 -8.33 7.43
N ZJU E 1 -18.67 -9.93 5.95
CA ZJU E 1 -17.36 -10.18 5.39
CB ZJU E 1 -17.46 -11.04 4.13
CG ZJU E 1 -16.38 -12.09 4.03
OD2 ZJU E 1 -16.43 -12.89 3.07
OD1 ZJU E 1 -15.47 -12.10 4.89
C ZJU E 1 -16.64 -8.86 5.06
O ZJU E 1 -15.50 -8.65 5.46
N GLU E 2 -17.32 -8.00 4.30
CA GLU E 2 -16.70 -6.79 3.79
C GLU E 2 -16.43 -5.78 4.89
N LEU E 3 -17.42 -5.57 5.77
CA LEU E 3 -17.18 -4.59 6.83
C LEU E 3 -16.07 -5.08 7.76
N GLU E 4 -16.08 -6.38 8.07
CA GLU E 4 -15.04 -6.92 8.95
C GLU E 4 -13.66 -6.84 8.31
N ARG E 5 -13.56 -7.10 7.01
CA ARG E 5 -12.29 -6.90 6.31
C ARG E 5 -11.78 -5.47 6.53
N ARG E 6 -12.66 -4.50 6.32
CA ARG E 6 -12.25 -3.09 6.39
C ARG E 6 -11.84 -2.72 7.80
N ILE E 7 -12.56 -3.25 8.79
CA ILE E 7 -12.22 -3.01 10.19
C ILE E 7 -10.88 -3.64 10.54
N ARG E 8 -10.65 -4.87 10.08
CA ARG E 8 -9.39 -5.56 10.31
C ARG E 8 -8.20 -4.78 9.76
N GLU E 9 -8.35 -4.19 8.58
CA GLU E 9 -7.25 -3.42 8.01
C GLU E 9 -6.95 -2.20 8.86
N LEU E 10 -8.01 -1.53 9.33
CA LEU E 10 -7.81 -0.38 10.20
C LEU E 10 -7.14 -0.81 11.51
N GLU E 11 -7.56 -1.94 12.05
CA GLU E 11 -6.98 -2.48 13.28
C GLU E 11 -5.50 -2.81 13.10
N ALA E 12 -5.14 -3.39 11.96
CA ALA E 12 -3.75 -3.71 11.67
C ALA E 12 -2.88 -2.47 11.68
N ARG E 13 -3.40 -1.35 11.20
CA ARG E 13 -2.65 -0.10 11.15
C ARG E 13 -2.57 0.56 12.52
N ILE E 14 -3.71 0.62 13.20
CA ILE E 14 -3.90 1.42 14.41
C ILE E 14 -3.49 0.65 15.65
N LYS E 15 -3.82 -0.64 15.70
CA LYS E 15 -3.47 -1.47 16.85
C LYS E 15 -2.18 -2.25 16.60
O1 ZJU F 1 -23.10 -8.54 14.17
C1 ZJU F 1 -22.96 -7.33 14.47
O2 ZJU F 1 -21.86 -6.83 14.75
C2 ZJU F 1 -24.19 -6.45 14.47
C3 ZJU F 1 -23.84 -4.96 14.37
C4 ZJU F 1 -23.13 -4.49 15.63
O3 ZJU F 1 -22.15 -3.75 15.55
N ZJU F 1 -23.62 -4.93 16.78
CA ZJU F 1 -23.06 -4.55 18.07
CB ZJU F 1 -23.75 -5.34 19.19
CG ZJU F 1 -24.75 -4.50 19.95
OD2 ZJU F 1 -24.51 -4.23 21.14
OD1 ZJU F 1 -25.77 -4.10 19.35
C ZJU F 1 -21.56 -4.81 18.12
O ZJU F 1 -20.77 -3.94 18.48
N GLU F 2 -21.16 -6.02 17.75
CA GLU F 2 -19.75 -6.41 17.87
C GLU F 2 -18.86 -5.54 17.01
N LEU F 3 -19.33 -5.22 15.80
CA LEU F 3 -18.54 -4.40 14.90
C LEU F 3 -18.50 -2.96 15.40
N GLU F 4 -19.62 -2.50 15.96
CA GLU F 4 -19.64 -1.17 16.57
C GLU F 4 -18.60 -1.04 17.67
N ARG F 5 -18.47 -2.08 18.49
CA ARG F 5 -17.50 -2.06 19.59
C ARG F 5 -16.08 -1.91 19.06
N ARG F 6 -15.78 -2.64 17.99
CA ARG F 6 -14.45 -2.55 17.39
C ARG F 6 -14.22 -1.17 16.78
N ILE F 7 -15.24 -0.62 16.14
CA ILE F 7 -15.15 0.75 15.63
C ILE F 7 -14.91 1.75 16.74
N ARG F 8 -15.61 1.59 17.86
CA ARG F 8 -15.42 2.48 19.00
C ARG F 8 -13.98 2.41 19.52
N GLU F 9 -13.39 1.23 19.53
CA GLU F 9 -12.00 1.15 19.99
C GLU F 9 -11.07 1.87 19.05
N LEU F 10 -11.34 1.75 17.75
CA LEU F 10 -10.51 2.44 16.76
C LEU F 10 -10.63 3.94 16.89
N GLU F 11 -11.86 4.43 17.02
CA GLU F 11 -12.10 5.87 17.16
C GLU F 11 -11.38 6.41 18.39
N ALA F 12 -11.41 5.67 19.50
CA ALA F 12 -10.79 6.10 20.74
C ALA F 12 -9.26 6.11 20.62
N ARG F 13 -8.71 5.06 20.02
CA ARG F 13 -7.27 4.90 19.91
C ARG F 13 -6.63 5.99 19.06
N ILE F 14 -7.38 6.48 18.07
CA ILE F 14 -6.83 7.45 17.12
C ILE F 14 -6.80 8.84 17.73
N LYS F 15 -7.59 9.05 18.79
CA LYS F 15 -7.68 10.35 19.44
C LYS F 15 -6.62 10.49 20.52
O1 ZJU G 1 -14.66 -6.61 0.57
C1 ZJU G 1 -14.92 -7.83 0.64
O2 ZJU G 1 -15.94 -8.34 0.12
C2 ZJU G 1 -13.97 -8.74 1.40
C3 ZJU G 1 -14.59 -10.10 1.71
C4 ZJU G 1 -14.54 -10.99 0.48
O3 ZJU G 1 -13.79 -10.75 -0.46
N ZJU G 1 -15.38 -12.03 0.46
CA ZJU G 1 -15.32 -13.01 -0.62
CB ZJU G 1 -16.13 -14.26 -0.26
CG ZJU G 1 -15.37 -15.17 0.69
OD2 ZJU G 1 -16.00 -16.10 1.25
OD1 ZJU G 1 -14.16 -14.95 0.88
C ZJU G 1 -15.82 -12.41 -1.93
O ZJU G 1 -15.38 -12.81 -3.01
N GLU G 2 -16.75 -11.46 -1.85
CA GLU G 2 -17.30 -10.84 -3.05
C GLU G 2 -16.24 -10.00 -3.76
N LEU G 3 -15.46 -9.24 -2.99
CA LEU G 3 -14.37 -8.46 -3.56
C LEU G 3 -13.32 -9.38 -4.17
N GLU G 4 -12.98 -10.45 -3.44
CA GLU G 4 -11.96 -11.36 -3.95
C GLU G 4 -12.43 -12.05 -5.22
N ARG G 5 -13.73 -12.34 -5.31
CA ARG G 5 -14.29 -12.93 -6.52
C ARG G 5 -14.09 -12.01 -7.72
N ARG G 6 -14.28 -10.71 -7.52
CA ARG G 6 -14.07 -9.77 -8.62
C ARG G 6 -12.59 -9.67 -8.99
N ILE G 7 -11.71 -9.74 -8.01
CA ILE G 7 -10.28 -9.76 -8.29
C ILE G 7 -9.90 -11.01 -9.08
N ARG G 8 -10.42 -12.16 -8.66
CA ARG G 8 -10.17 -13.42 -9.35
C ARG G 8 -10.57 -13.36 -10.81
N GLU G 9 -11.73 -12.76 -11.08
CA GLU G 9 -12.22 -12.59 -12.45
C GLU G 9 -11.26 -11.73 -13.27
N LEU G 10 -10.80 -10.62 -12.69
CA LEU G 10 -9.83 -9.76 -13.34
C LEU G 10 -8.51 -10.49 -13.57
N GLU G 11 -8.07 -11.27 -12.59
CA GLU G 11 -6.84 -12.04 -12.74
C GLU G 11 -6.96 -13.07 -13.86
N ALA G 12 -8.10 -13.76 -13.92
CA ALA G 12 -8.35 -14.73 -14.98
C ALA G 12 -8.20 -14.08 -16.36
N ARG G 13 -8.67 -12.84 -16.49
CA ARG G 13 -8.61 -12.14 -17.76
C ARG G 13 -7.21 -11.61 -18.07
N ILE G 14 -6.58 -10.99 -17.08
CA ILE G 14 -5.38 -10.19 -17.34
C ILE G 14 -4.12 -11.03 -17.21
N LYS G 15 -4.12 -11.96 -16.27
CA LYS G 15 -2.96 -12.81 -16.03
C LYS G 15 -3.13 -14.16 -16.72
O1 ZJU H 1 -7.21 -9.76 3.38
C1 ZJU H 1 -6.57 -8.96 2.68
O2 ZJU H 1 -5.62 -9.29 1.96
C2 ZJU H 1 -6.98 -7.50 2.71
C3 ZJU H 1 -5.95 -6.61 3.43
C4 ZJU H 1 -4.74 -6.39 2.52
O3 ZJU H 1 -4.88 -6.16 1.33
N ZJU H 1 -3.56 -6.49 3.12
CA ZJU H 1 -2.31 -6.37 2.36
CB ZJU H 1 -1.10 -6.65 3.25
CG ZJU H 1 -0.89 -5.60 4.32
OD2 ZJU H 1 -0.36 -5.96 5.40
OD1 ZJU H 1 -1.28 -4.43 4.11
C ZJU H 1 -2.30 -7.31 1.16
O ZJU H 1 -1.73 -7.00 0.12
N GLU H 2 -2.94 -8.47 1.32
CA GLU H 2 -2.98 -9.51 0.31
C GLU H 2 -3.80 -9.10 -0.91
N LEU H 3 -5.02 -8.63 -0.67
CA LEU H 3 -5.84 -8.16 -1.79
C LEU H 3 -5.23 -6.93 -2.45
N GLU H 4 -4.63 -6.05 -1.64
CA GLU H 4 -4.00 -4.86 -2.21
C GLU H 4 -2.85 -5.23 -3.14
N ARG H 5 -2.04 -6.21 -2.73
CA ARG H 5 -0.93 -6.65 -3.57
C ARG H 5 -1.41 -7.19 -4.91
N ARG H 6 -2.49 -7.96 -4.89
CA ARG H 6 -3.03 -8.53 -6.12
C ARG H 6 -3.62 -7.43 -7.02
N ILE H 7 -4.26 -6.44 -6.41
CA ILE H 7 -4.75 -5.30 -7.19
C ILE H 7 -3.60 -4.54 -7.83
N ARG H 8 -2.49 -4.37 -7.10
CA ARG H 8 -1.33 -3.67 -7.63
C ARG H 8 -0.73 -4.41 -8.82
N GLU H 9 -0.77 -5.74 -8.77
CA GLU H 9 -0.22 -6.54 -9.86
C GLU H 9 -1.05 -6.34 -11.13
N LEU H 10 -2.37 -6.28 -10.96
CA LEU H 10 -3.27 -6.03 -12.08
C LEU H 10 -3.07 -4.65 -12.67
N GLU H 11 -2.96 -3.64 -11.80
CA GLU H 11 -2.76 -2.28 -12.25
C GLU H 11 -1.47 -2.15 -13.06
N ALA H 12 -0.42 -2.83 -12.59
CA ALA H 12 0.89 -2.73 -13.21
C ALA H 12 0.87 -3.33 -14.61
N ARG H 13 0.08 -4.37 -14.79
CA ARG H 13 0.02 -5.07 -16.08
C ARG H 13 -0.78 -4.26 -17.11
N ILE H 14 -1.59 -3.32 -16.64
CA ILE H 14 -2.26 -2.39 -17.54
C ILE H 14 -1.35 -1.23 -17.92
N LYS H 15 -0.61 -0.73 -16.94
CA LYS H 15 0.18 0.48 -17.05
C LYS H 15 1.45 0.26 -17.87
O1 ZJU I 1 -8.21 -1.02 3.26
C1 ZJU I 1 -8.14 -0.41 2.18
O2 ZJU I 1 -7.13 0.24 1.84
C2 ZJU I 1 -9.33 -0.45 1.24
C3 ZJU I 1 -10.60 -0.94 1.93
C4 ZJU I 1 -11.81 -0.61 1.05
O3 ZJU I 1 -12.21 -1.38 0.18
N ZJU I 1 -12.41 0.57 1.28
CA ZJU I 1 -13.14 1.22 0.20
CB ZJU I 1 -13.95 2.40 0.71
CG ZJU I 1 -15.26 2.60 -0.03
OD2 ZJU I 1 -16.20 3.19 0.55
OD1 ZJU I 1 -15.34 2.18 -1.19
C ZJU I 1 -12.19 1.66 -0.90
O ZJU I 1 -12.55 1.74 -2.07
N GLU I 2 -10.95 1.95 -0.51
CA GLU I 2 -9.89 2.14 -1.49
C GLU I 2 -9.74 0.91 -2.38
N LEU I 3 -9.75 -0.27 -1.77
CA LEU I 3 -9.60 -1.48 -2.58
C LEU I 3 -10.73 -1.59 -3.59
N GLU I 4 -11.97 -1.40 -3.15
CA GLU I 4 -13.11 -1.57 -4.03
C GLU I 4 -13.13 -0.53 -5.14
N ARG I 5 -12.75 0.71 -4.81
CA ARG I 5 -12.62 1.76 -5.82
C ARG I 5 -11.64 1.35 -6.91
N ARG I 6 -10.50 0.77 -6.51
CA ARG I 6 -9.48 0.41 -7.49
C ARG I 6 -9.93 -0.74 -8.37
N ILE I 7 -10.71 -1.66 -7.82
CA ILE I 7 -11.22 -2.77 -8.62
C ILE I 7 -12.24 -2.27 -9.64
N ARG I 8 -13.08 -1.33 -9.24
CA ARG I 8 -14.03 -0.73 -10.19
C ARG I 8 -13.31 -0.06 -11.35
N GLU I 9 -12.20 0.61 -11.06
CA GLU I 9 -11.45 1.26 -12.14
C GLU I 9 -10.83 0.25 -13.09
N LEU I 10 -10.30 -0.85 -12.55
CA LEU I 10 -9.79 -1.93 -13.38
C LEU I 10 -10.89 -2.54 -14.24
N GLU I 11 -12.06 -2.75 -13.65
CA GLU I 11 -13.17 -3.32 -14.38
C GLU I 11 -13.58 -2.43 -15.55
N ALA I 12 -13.59 -1.12 -15.30
CA ALA I 12 -13.90 -0.14 -16.32
C ALA I 12 -12.85 -0.14 -17.43
N ARG I 13 -11.59 -0.29 -17.03
CA ARG I 13 -10.46 -0.13 -17.95
C ARG I 13 -10.41 -1.22 -19.00
N ILE I 14 -10.71 -2.47 -18.63
CA ILE I 14 -10.54 -3.56 -19.58
C ILE I 14 -11.81 -3.80 -20.40
N LYS I 15 -12.87 -3.05 -20.10
CA LYS I 15 -14.16 -3.27 -20.74
C LYS I 15 -14.30 -2.42 -22.00
O1 ZJU J 1 26.36 -3.35 -8.91
C1 ZJU J 1 26.05 -3.55 -10.10
O2 ZJU J 1 26.51 -4.50 -10.77
C2 ZJU J 1 25.08 -2.60 -10.78
C3 ZJU J 1 25.60 -2.06 -12.11
C4 ZJU J 1 24.85 -2.71 -13.27
O3 ZJU J 1 23.64 -2.56 -13.41
N ZJU J 1 25.59 -3.44 -14.11
CA ZJU J 1 25.04 -4.01 -15.32
CB ZJU J 1 26.14 -4.72 -16.10
CG ZJU J 1 27.00 -3.75 -16.89
OD2 ZJU J 1 27.77 -4.19 -17.76
OD1 ZJU J 1 26.89 -2.52 -16.61
C ZJU J 1 23.89 -4.97 -15.04
O ZJU J 1 22.88 -4.96 -15.77
N GLU J 2 24.02 -5.80 -14.01
CA GLU J 2 22.95 -6.74 -13.66
C GLU J 2 21.67 -6.00 -13.33
N LEU J 3 21.80 -4.88 -12.63
CA LEU J 3 20.60 -4.13 -12.23
C LEU J 3 20.02 -3.40 -13.43
N GLU J 4 20.90 -2.95 -14.31
CA GLU J 4 20.45 -2.30 -15.55
C GLU J 4 19.62 -3.27 -16.39
N ARG J 5 20.07 -4.52 -16.49
CA ARG J 5 19.32 -5.51 -17.26
C ARG J 5 17.92 -5.71 -16.71
N ARG J 6 17.79 -5.76 -15.38
CA ARG J 6 16.49 -5.93 -14.74
C ARG J 6 15.62 -4.71 -14.94
N ILE J 7 16.22 -3.53 -14.88
CA ILE J 7 15.47 -2.29 -15.13
C ILE J 7 14.95 -2.27 -16.55
N ARG J 8 15.76 -2.70 -17.51
CA ARG J 8 15.35 -2.75 -18.91
C ARG J 8 14.18 -3.71 -19.12
N GLU J 9 14.18 -4.82 -18.39
CA GLU J 9 13.07 -5.76 -18.46
C GLU J 9 11.78 -5.14 -17.95
N LEU J 10 11.86 -4.40 -16.85
CA LEU J 10 10.69 -3.74 -16.30
C LEU J 10 10.16 -2.67 -17.26
N GLU J 11 11.07 -1.86 -17.80
CA GLU J 11 10.71 -0.81 -18.75
C GLU J 11 9.99 -1.38 -19.96
N ALA J 12 10.43 -2.54 -20.44
CA ALA J 12 9.85 -3.14 -21.64
C ALA J 12 8.51 -3.79 -21.35
N ARG J 13 8.38 -4.40 -20.18
CA ARG J 13 7.18 -5.16 -19.82
C ARG J 13 6.00 -4.23 -19.63
N ILE J 14 6.28 -2.98 -19.28
CA ILE J 14 5.25 -2.00 -18.97
C ILE J 14 4.66 -1.41 -20.25
N LYS J 15 5.41 -1.51 -21.35
CA LYS J 15 5.03 -0.82 -22.58
C LYS J 15 4.13 -1.69 -23.46
O1 ZJU K 1 24.86 2.95 -13.14
C1 ZJU K 1 24.51 4.03 -12.61
O2 ZJU K 1 24.05 4.99 -13.28
C2 ZJU K 1 24.62 4.16 -11.11
C3 ZJU K 1 24.82 5.61 -10.66
C4 ZJU K 1 23.53 6.41 -10.82
O3 ZJU K 1 22.43 5.85 -10.75
N ZJU K 1 23.68 7.71 -11.03
CA ZJU K 1 22.58 8.66 -11.14
CB ZJU K 1 23.13 10.00 -11.64
CG ZJU K 1 22.13 10.88 -12.35
OD2 ZJU K 1 22.43 11.32 -13.48
OD1 ZJU K 1 21.05 11.16 -11.79
C ZJU K 1 21.51 8.13 -12.09
O ZJU K 1 20.31 8.19 -11.78
N GLU K 2 21.93 7.60 -13.22
CA GLU K 2 21.02 7.18 -14.27
C GLU K 2 20.20 5.97 -13.86
N LEU K 3 20.85 4.99 -13.23
CA LEU K 3 20.09 3.80 -12.82
C LEU K 3 19.08 4.17 -11.74
N GLU K 4 19.48 4.96 -10.74
CA GLU K 4 18.51 5.35 -9.72
C GLU K 4 17.38 6.19 -10.31
N ARG K 5 17.70 7.06 -11.26
CA ARG K 5 16.67 7.86 -11.91
C ARG K 5 15.70 6.99 -12.70
N ARG K 6 16.22 5.95 -13.34
CA ARG K 6 15.33 5.05 -14.08
C ARG K 6 14.44 4.26 -13.13
N ILE K 7 14.95 3.86 -11.98
CA ILE K 7 14.10 3.26 -10.95
C ILE K 7 13.04 4.24 -10.49
N ARG K 8 13.44 5.48 -10.23
CA ARG K 8 12.51 6.50 -9.79
C ARG K 8 11.40 6.73 -10.82
N GLU K 9 11.78 6.72 -12.09
CA GLU K 9 10.86 6.88 -13.20
C GLU K 9 9.84 5.75 -13.23
N LEU K 10 10.33 4.52 -13.07
CA LEU K 10 9.45 3.35 -12.99
C LEU K 10 8.51 3.43 -11.80
N GLU K 11 9.04 3.83 -10.63
CA GLU K 11 8.21 3.96 -9.44
C GLU K 11 7.11 4.99 -9.64
N ALA K 12 7.42 6.07 -10.36
CA ALA K 12 6.44 7.09 -10.71
C ALA K 12 5.34 6.54 -11.60
N ARG K 13 5.71 5.68 -12.54
CA ARG K 13 4.80 5.26 -13.61
C ARG K 13 3.80 4.23 -13.14
N ILE K 14 4.13 3.43 -12.13
CA ILE K 14 3.18 2.37 -11.78
C ILE K 14 2.63 2.54 -10.37
N LYS K 15 2.96 3.66 -9.74
CA LYS K 15 2.23 4.06 -8.53
C LYS K 15 0.81 4.46 -8.86
O1 ZJU L 1 22.73 0.89 -5.68
C1 ZJU L 1 22.50 -0.07 -4.92
O2 ZJU L 1 21.86 0.03 -3.86
C2 ZJU L 1 23.05 -1.44 -5.30
C3 ZJU L 1 23.35 -2.32 -4.09
C4 ZJU L 1 22.06 -2.71 -3.40
O3 ZJU L 1 21.03 -2.92 -4.05
N ZJU L 1 22.10 -2.80 -2.07
CA ZJU L 1 20.96 -3.29 -1.29
CB ZJU L 1 21.33 -3.30 0.18
CG ZJU L 1 20.31 -2.65 1.10
OD2 ZJU L 1 20.70 -1.71 1.83
OD1 ZJU L 1 19.13 -3.06 1.10
C ZJU L 1 19.71 -2.46 -1.55
O ZJU L 1 18.64 -3.00 -1.85
N GLU L 2 19.83 -1.14 -1.45
CA GLU L 2 18.66 -0.27 -1.53
C GLU L 2 18.05 -0.31 -2.92
N LEU L 3 18.90 -0.16 -3.93
CA LEU L 3 18.40 -0.13 -5.31
C LEU L 3 17.83 -1.48 -5.69
N GLU L 4 18.46 -2.55 -5.22
CA GLU L 4 17.96 -3.89 -5.55
C GLU L 4 16.63 -4.17 -4.86
N ARG L 5 16.47 -3.69 -3.63
CA ARG L 5 15.19 -3.85 -2.93
C ARG L 5 14.06 -3.15 -3.68
N ARG L 6 14.33 -1.94 -4.16
CA ARG L 6 13.33 -1.18 -4.91
C ARG L 6 12.99 -1.87 -6.23
N ILE L 7 14.00 -2.44 -6.88
CA ILE L 7 13.76 -3.21 -8.10
C ILE L 7 12.90 -4.43 -7.81
N ARG L 8 13.17 -5.14 -6.72
CA ARG L 8 12.41 -6.33 -6.37
C ARG L 8 10.92 -6.01 -6.17
N GLU L 9 10.64 -4.87 -5.53
CA GLU L 9 9.24 -4.49 -5.34
C GLU L 9 8.57 -4.24 -6.68
N LEU L 10 9.25 -3.57 -7.59
CA LEU L 10 8.72 -3.33 -8.93
C LEU L 10 8.49 -4.65 -9.65
N GLU L 11 9.45 -5.56 -9.53
CA GLU L 11 9.36 -6.87 -10.16
C GLU L 11 8.18 -7.68 -9.62
N ALA L 12 7.96 -7.63 -8.31
CA ALA L 12 6.82 -8.26 -7.69
C ALA L 12 5.50 -7.79 -8.31
N ARG L 13 5.40 -6.50 -8.60
CA ARG L 13 4.18 -5.93 -9.16
C ARG L 13 4.03 -6.29 -10.64
N ILE L 14 5.13 -6.15 -11.37
CA ILE L 14 5.09 -6.14 -12.83
C ILE L 14 5.27 -7.55 -13.37
N LYS L 15 6.12 -8.34 -12.71
CA LYS L 15 6.37 -9.71 -13.15
C LYS L 15 5.57 -10.72 -12.37
PB PB M . 1.49 12.99 8.90
S SO4 N . 15.33 14.99 19.20
O1 SO4 N . 16.01 14.78 20.49
O2 SO4 N . 13.96 14.48 19.26
O3 SO4 N . 16.07 14.29 18.13
O4 SO4 N . 15.31 16.44 18.89
S SO4 O . -1.75 4.53 2.51
O1 SO4 O . -0.41 3.96 2.24
O2 SO4 O . -1.81 4.94 3.92
O3 SO4 O . -2.77 3.50 2.25
O4 SO4 O . -1.96 5.70 1.64
PB PB P . -25.58 0.28 14.47
PB PB Q . -3.00 -3.11 4.87
S SO4 R . -20.50 6.25 20.54
O1 SO4 R . -19.04 6.46 20.55
O2 SO4 R . -20.98 6.01 21.91
O3 SO4 R . -20.82 5.08 19.70
O4 SO4 R . -21.16 7.45 20.00
PB PB S . -22.34 -2.58 22.22
PB PB T . -18.66 -8.59 -15.04
PB PB U . -6.71 -12.17 3.19
S SO4 V . 0.01 2.08 -4.90
O1 SO4 V . -0.55 3.45 -4.90
O2 SO4 V . -0.86 1.18 -4.13
O3 SO4 V . 1.36 2.10 -4.30
O4 SO4 V . 0.11 1.59 -6.28
PB PB W . -5.59 2.74 -13.81
PB PB X . 6.29 2.15 -2.70
PB PB Y . 17.02 6.33 -1.15
#